data_4KH7
#
_entry.id   4KH7
#
_cell.length_a   53.078
_cell.length_b   72.692
_cell.length_c   82.896
_cell.angle_alpha   90.000
_cell.angle_beta   96.150
_cell.angle_gamma   90.000
#
_symmetry.space_group_name_H-M   'P 1 21 1'
#
loop_
_entity.id
_entity.type
_entity.pdbx_description
1 polymer 'Glutathione s-transferase family protein'
2 non-polymer GLUTATHIONE
3 water water
#
_entity_poly.entity_id   1
_entity_poly.type   'polypeptide(L)'
_entity_poly.pdbx_seq_one_letter_code
;MHHHHHHSSGVDLGTENLYFQSMITLWGRNNSTNVKKVLWTLEELELPYDQILAGGKFGVNQDADYLAMNPNGLVPLLKD
DETDLLLWESNAIVRYLAAQYGQNRLWVDNPARRAEGEKWMDWANQTLSPAHRVILMGLVRTPPEKRDQAAIEAGIEKCD
SLFALLDDALAHQPWFSGDNFGTGDIAIAPFVYNLLNVGLKWTPRPNLQRWYQQLTERPAFRKVVMIPVT
;
_entity_poly.pdbx_strand_id   A,B
#
loop_
_chem_comp.id
_chem_comp.type
_chem_comp.name
_chem_comp.formula
GSH non-polymer GLUTATHIONE 'C10 H17 N3 O6 S'
#
# COMPACT_ATOMS: atom_id res chain seq x y z
N SER A 22 23.99 11.56 -13.32
CA SER A 22 23.73 11.50 -11.86
C SER A 22 23.66 10.05 -11.39
N MET A 23 23.89 9.84 -10.09
CA MET A 23 23.80 8.51 -9.49
C MET A 23 22.35 8.01 -9.43
N ILE A 24 21.40 8.93 -9.41
CA ILE A 24 19.98 8.54 -9.37
C ILE A 24 19.34 8.76 -10.72
N THR A 25 18.67 7.73 -11.23
CA THR A 25 17.92 7.79 -12.46
C THR A 25 16.46 7.51 -12.15
N LEU A 26 15.58 8.35 -12.68
CA LEU A 26 14.13 8.18 -12.54
C LEU A 26 13.47 8.02 -13.90
N TRP A 27 12.78 6.92 -14.08
CA TRP A 27 11.93 6.73 -15.25
C TRP A 27 10.49 7.16 -14.96
N GLY A 28 9.94 8.01 -15.80
CA GLY A 28 8.53 8.36 -15.73
C GLY A 28 8.16 9.70 -16.34
N ARG A 29 6.89 9.80 -16.71
CA ARG A 29 6.33 11.04 -17.25
C ARG A 29 5.84 11.97 -16.15
N ASN A 30 5.80 13.27 -16.47
CA ASN A 30 5.54 14.30 -15.48
C ASN A 30 4.10 14.40 -15.03
N ASN A 31 3.16 13.91 -15.84
CA ASN A 31 1.74 14.04 -15.52
C ASN A 31 1.21 12.77 -14.86
N SER A 32 2.10 12.06 -14.17
CA SER A 32 1.71 10.89 -13.39
C SER A 32 1.75 11.21 -11.92
N THR A 33 0.65 10.91 -11.21
CA THR A 33 0.60 11.09 -9.76
C THR A 33 1.75 10.38 -9.06
N ASN A 34 1.96 9.11 -9.43
CA ASN A 34 2.94 8.29 -8.75
C ASN A 34 4.36 8.71 -9.03
N VAL A 35 4.61 9.16 -10.27
CA VAL A 35 5.89 9.73 -10.62
C VAL A 35 6.10 11.07 -9.90
N LYS A 36 5.07 11.89 -9.85
CA LYS A 36 5.14 13.16 -9.14
C LYS A 36 5.59 13.01 -7.70
N LYS A 37 5.12 11.96 -7.03
CA LYS A 37 5.54 11.75 -5.68
C LYS A 37 7.04 11.70 -5.57
N VAL A 38 7.66 10.97 -6.50
CA VAL A 38 9.11 10.77 -6.47
C VAL A 38 9.88 12.03 -6.88
N LEU A 39 9.48 12.64 -7.98
CA LEU A 39 10.06 13.91 -8.44
C LEU A 39 10.00 14.91 -7.29
N TRP A 40 8.86 14.97 -6.64
CA TRP A 40 8.67 15.92 -5.53
C TRP A 40 9.61 15.63 -4.37
N THR A 41 9.73 14.35 -3.99
CA THR A 41 10.63 13.99 -2.90
C THR A 41 12.07 14.32 -3.24
N LEU A 42 12.48 14.02 -4.46
CA LEU A 42 13.84 14.31 -4.91
C LEU A 42 14.13 15.81 -4.79
N GLU A 43 13.20 16.63 -5.25
CA GLU A 43 13.31 18.08 -5.17
C GLU A 43 13.34 18.58 -3.73
N GLU A 44 12.47 18.04 -2.87
CA GLU A 44 12.44 18.43 -1.46
C GLU A 44 13.78 18.17 -0.78
N LEU A 45 14.40 17.05 -1.11
CA LEU A 45 15.67 16.68 -0.50
C LEU A 45 16.87 17.27 -1.26
N GLU A 46 16.60 17.97 -2.34
CA GLU A 46 17.64 18.63 -3.14
C GLU A 46 18.66 17.62 -3.67
N LEU A 47 18.15 16.49 -4.13
CA LEU A 47 18.97 15.46 -4.74
C LEU A 47 19.04 15.65 -6.23
N PRO A 48 20.25 15.52 -6.81
CA PRO A 48 20.40 15.48 -8.26
C PRO A 48 19.85 14.17 -8.81
N TYR A 49 19.25 14.23 -10.01
CA TYR A 49 18.74 13.06 -10.68
C TYR A 49 18.65 13.28 -12.18
N ASP A 50 18.71 12.19 -12.92
CA ASP A 50 18.42 12.18 -14.34
C ASP A 50 17.09 11.53 -14.61
N GLN A 51 16.23 12.25 -15.30
CA GLN A 51 14.94 11.73 -15.69
C GLN A 51 14.96 11.15 -17.09
N ILE A 52 14.35 9.97 -17.22
CA ILE A 52 14.07 9.34 -18.50
C ILE A 52 12.56 9.27 -18.69
N LEU A 53 12.07 10.02 -19.66
CA LEU A 53 10.66 9.99 -19.99
C LEU A 53 10.29 8.55 -20.33
N ALA A 54 9.17 8.11 -19.75
CA ALA A 54 8.66 6.77 -19.96
C ALA A 54 7.19 6.73 -19.57
N GLY A 55 6.43 5.85 -20.21
CA GLY A 55 5.00 5.77 -19.98
C GLY A 55 4.20 6.46 -21.06
N GLY A 56 3.01 5.94 -21.33
CA GLY A 56 2.15 6.51 -22.36
C GLY A 56 2.83 6.59 -23.72
N LYS A 57 2.69 7.75 -24.37
CA LYS A 57 3.19 7.89 -25.75
C LYS A 57 4.71 7.95 -25.79
N PHE A 58 5.36 8.05 -24.64
CA PHE A 58 6.82 8.02 -24.57
C PHE A 58 7.42 6.63 -24.72
N GLY A 59 6.59 5.60 -24.55
CA GLY A 59 7.08 4.23 -24.54
C GLY A 59 8.07 3.97 -23.42
N VAL A 60 9.05 3.13 -23.74
CA VAL A 60 10.08 2.65 -22.84
C VAL A 60 9.55 1.56 -21.86
N ASN A 61 8.42 1.82 -21.23
CA ASN A 61 7.98 0.98 -20.10
C ASN A 61 7.41 -0.40 -20.47
N GLN A 62 7.23 -0.67 -21.76
CA GLN A 62 6.79 -2.02 -22.18
C GLN A 62 7.88 -2.73 -22.97
N ASP A 63 9.07 -2.16 -22.98
CA ASP A 63 10.22 -2.75 -23.69
C ASP A 63 10.73 -3.91 -22.86
N ALA A 64 11.32 -4.90 -23.51
CA ALA A 64 11.81 -6.05 -22.79
C ALA A 64 12.84 -5.65 -21.76
N ASP A 65 13.68 -4.68 -22.11
CA ASP A 65 14.75 -4.26 -21.21
C ASP A 65 14.17 -3.61 -19.94
N TYR A 66 13.05 -2.91 -20.08
CA TYR A 66 12.44 -2.23 -18.93
C TYR A 66 11.74 -3.26 -18.06
N LEU A 67 11.06 -4.20 -18.70
CA LEU A 67 10.34 -5.25 -17.98
C LEU A 67 11.28 -6.12 -17.15
N ALA A 68 12.52 -6.23 -17.58
CA ALA A 68 13.49 -6.93 -16.78
C ALA A 68 13.83 -6.19 -15.48
N MET A 69 13.59 -4.87 -15.45
CA MET A 69 13.81 -4.06 -14.26
C MET A 69 12.53 -3.94 -13.45
N ASN A 70 11.41 -3.85 -14.14
CA ASN A 70 10.10 -3.79 -13.49
C ASN A 70 9.10 -4.61 -14.25
N PRO A 71 8.82 -5.84 -13.77
CA PRO A 71 7.95 -6.73 -14.53
C PRO A 71 6.54 -6.23 -14.69
N ASN A 72 6.14 -5.24 -13.89
CA ASN A 72 4.80 -4.65 -14.03
C ASN A 72 4.70 -3.68 -15.21
N GLY A 73 5.84 -3.23 -15.70
CA GLY A 73 5.88 -2.31 -16.83
C GLY A 73 5.21 -0.98 -16.56
N LEU A 74 5.39 -0.48 -15.34
CA LEU A 74 4.81 0.78 -14.91
C LEU A 74 5.90 1.74 -14.47
N VAL A 75 5.52 3.03 -14.36
CA VAL A 75 6.41 4.06 -13.85
C VAL A 75 5.76 4.57 -12.56
N PRO A 76 6.56 5.01 -11.60
CA PRO A 76 8.01 5.22 -11.66
C PRO A 76 8.89 3.99 -11.40
N LEU A 77 10.12 4.08 -11.89
CA LEU A 77 11.23 3.20 -11.56
C LEU A 77 12.38 4.10 -11.17
N LEU A 78 13.10 3.76 -10.13
CA LEU A 78 14.24 4.52 -9.66
C LEU A 78 15.47 3.64 -9.51
N LYS A 79 16.59 4.08 -10.10
CA LYS A 79 17.85 3.40 -9.92
C LYS A 79 18.73 4.28 -9.05
N ASP A 80 19.35 3.72 -8.03
CA ASP A 80 20.32 4.46 -7.22
C ASP A 80 21.67 3.73 -7.26
N ASP A 81 22.59 4.28 -8.04
CA ASP A 81 23.88 3.61 -8.21
C ASP A 81 24.71 3.61 -6.93
N GLU A 82 24.39 4.51 -6.01
CA GLU A 82 25.14 4.59 -4.76
C GLU A 82 24.90 3.35 -3.88
N THR A 83 23.68 2.82 -3.94
CA THR A 83 23.30 1.71 -3.10
C THR A 83 22.95 0.44 -3.89
N ASP A 84 23.26 0.43 -5.19
CA ASP A 84 22.98 -0.73 -6.02
C ASP A 84 21.52 -1.12 -5.96
N LEU A 85 20.66 -0.11 -6.09
CA LEU A 85 19.22 -0.28 -5.94
C LEU A 85 18.49 -0.02 -7.25
N LEU A 86 17.55 -0.88 -7.57
CA LEU A 86 16.63 -0.70 -8.68
C LEU A 86 15.24 -0.98 -8.11
N LEU A 87 14.39 0.05 -8.01
CA LEU A 87 13.21 -0.01 -7.14
C LEU A 87 11.98 0.49 -7.86
N TRP A 88 10.89 -0.27 -7.82
CA TRP A 88 9.59 0.19 -8.30
C TRP A 88 8.61 0.16 -7.08
N GLU A 89 7.41 0.67 -7.28
CA GLU A 89 6.43 1.09 -6.25
C GLU A 89 6.75 2.49 -5.71
N SER A 90 5.99 3.46 -6.20
CA SER A 90 6.20 4.86 -5.84
C SER A 90 6.32 5.10 -4.33
N ASN A 91 5.46 4.47 -3.53
CA ASN A 91 5.53 4.72 -2.10
C ASN A 91 6.78 4.16 -1.45
N ALA A 92 7.23 2.98 -1.90
CA ALA A 92 8.50 2.42 -1.45
C ALA A 92 9.68 3.30 -1.83
N ILE A 93 9.62 3.85 -3.04
CA ILE A 93 10.66 4.76 -3.49
C ILE A 93 10.72 6.00 -2.58
N VAL A 94 9.57 6.61 -2.29
CA VAL A 94 9.53 7.78 -1.40
C VAL A 94 10.08 7.44 -0.02
N ARG A 95 9.64 6.32 0.57
CA ARG A 95 10.15 5.96 1.87
C ARG A 95 11.65 5.65 1.87
N TYR A 96 12.16 5.06 0.78
CA TYR A 96 13.58 4.81 0.64
C TYR A 96 14.37 6.14 0.62
N LEU A 97 13.92 7.06 -0.22
CA LEU A 97 14.62 8.33 -0.35
C LEU A 97 14.60 9.06 0.98
N ALA A 98 13.47 9.02 1.67
CA ALA A 98 13.39 9.63 3.00
C ALA A 98 14.37 9.01 4.01
N ALA A 99 14.42 7.68 4.09
CA ALA A 99 15.29 7.04 5.06
C ALA A 99 16.77 7.19 4.72
N GLN A 100 17.09 7.18 3.43
CA GLN A 100 18.49 7.19 2.98
C GLN A 100 19.06 8.60 2.96
N TYR A 101 18.27 9.54 2.46
CA TYR A 101 18.74 10.91 2.17
C TYR A 101 18.00 12.00 2.96
N GLY A 102 16.97 11.61 3.69
CA GLY A 102 16.09 12.57 4.34
C GLY A 102 16.07 12.46 5.85
N GLN A 103 17.12 11.92 6.44
CA GLN A 103 17.18 11.83 7.89
C GLN A 103 17.07 13.23 8.49
N ASN A 104 16.27 13.35 9.54
CA ASN A 104 15.98 14.64 10.17
C ASN A 104 15.35 15.67 9.24
N ARG A 105 14.78 15.23 8.13
CA ARG A 105 14.03 16.11 7.25
C ARG A 105 12.67 15.50 6.92
N LEU A 106 12.67 14.34 6.29
CA LEU A 106 11.44 13.68 5.88
C LEU A 106 11.25 12.33 6.54
N TRP A 107 12.28 11.84 7.22
CA TRP A 107 12.19 10.53 7.88
C TRP A 107 11.94 10.71 9.36
N VAL A 108 10.89 10.05 9.84
CA VAL A 108 10.55 10.05 11.25
C VAL A 108 11.14 8.78 11.86
N ASP A 109 12.04 8.95 12.81
CA ASP A 109 12.80 7.82 13.35
C ASP A 109 11.98 6.91 14.22
N ASN A 110 11.11 7.49 15.05
CA ASN A 110 10.29 6.72 15.98
C ASN A 110 9.27 5.87 15.23
N PRO A 111 9.29 4.55 15.45
CA PRO A 111 8.36 3.72 14.65
C PRO A 111 6.88 4.07 14.78
N ALA A 112 6.40 4.33 15.98
CA ALA A 112 4.98 4.62 16.18
C ALA A 112 4.60 5.95 15.52
N ARG A 113 5.40 6.98 15.72
CA ARG A 113 5.05 8.27 15.13
C ARG A 113 5.20 8.18 13.60
N ARG A 114 6.14 7.35 13.13
CA ARG A 114 6.31 7.16 11.69
C ARG A 114 5.06 6.47 11.10
N ALA A 115 4.58 5.44 11.79
CA ALA A 115 3.41 4.68 11.35
C ALA A 115 2.17 5.53 11.17
N GLU A 116 2.00 6.49 12.08
CA GLU A 116 0.82 7.34 12.07
C GLU A 116 0.76 8.14 10.77
N GLY A 117 1.92 8.51 10.25
CA GLY A 117 1.98 9.17 8.95
C GLY A 117 1.97 8.22 7.76
N GLU A 118 2.68 7.11 7.91
CA GLU A 118 2.86 6.16 6.82
C GLU A 118 1.57 5.46 6.42
N LYS A 119 0.65 5.28 7.36
CA LYS A 119 -0.65 4.72 7.00
C LYS A 119 -1.33 5.45 5.85
N TRP A 120 -1.10 6.76 5.77
CA TRP A 120 -1.72 7.56 4.72
C TRP A 120 -1.12 7.29 3.34
N MET A 121 0.10 6.75 3.28
CA MET A 121 0.67 6.33 2.02
C MET A 121 -0.08 5.12 1.44
N ASP A 122 -0.32 4.13 2.30
CA ASP A 122 -1.06 2.96 1.87
C ASP A 122 -2.47 3.39 1.45
N TRP A 123 -3.09 4.23 2.26
CA TRP A 123 -4.46 4.71 2.01
C TRP A 123 -4.54 5.52 0.70
N ALA A 124 -3.53 6.31 0.42
CA ALA A 124 -3.52 7.10 -0.81
C ALA A 124 -3.63 6.19 -2.04
N ASN A 125 -2.85 5.10 -2.04
CA ASN A 125 -2.85 4.22 -3.20
C ASN A 125 -3.96 3.17 -3.20
N GLN A 126 -4.42 2.76 -2.02
CA GLN A 126 -5.44 1.70 -1.93
C GLN A 126 -6.87 2.23 -1.95
N THR A 127 -7.06 3.44 -1.41
CA THR A 127 -8.41 4.02 -1.29
C THR A 127 -8.59 5.25 -2.19
N LEU A 128 -7.70 6.23 -2.08
CA LEU A 128 -7.89 7.45 -2.87
C LEU A 128 -7.65 7.20 -4.36
N SER A 129 -6.59 6.48 -4.70
CA SER A 129 -6.23 6.33 -6.12
C SER A 129 -7.37 5.75 -6.96
N PRO A 130 -7.98 4.64 -6.52
CA PRO A 130 -9.04 4.11 -7.39
C PRO A 130 -10.21 5.06 -7.59
N ALA A 131 -10.57 5.85 -6.58
CA ALA A 131 -11.63 6.83 -6.74
C ALA A 131 -11.21 7.97 -7.67
N HIS A 132 -9.99 8.44 -7.49
CA HIS A 132 -9.36 9.44 -8.37
C HIS A 132 -9.30 8.96 -9.83
N ARG A 133 -9.00 7.69 -10.06
CA ARG A 133 -8.86 7.16 -11.42
C ARG A 133 -10.16 7.32 -12.20
N VAL A 134 -11.28 7.14 -11.52
CA VAL A 134 -12.58 7.26 -12.15
C VAL A 134 -12.73 8.66 -12.75
N ILE A 135 -12.31 9.67 -11.98
CA ILE A 135 -12.44 11.07 -12.42
C ILE A 135 -11.45 11.41 -13.52
N LEU A 136 -10.18 11.03 -13.34
CA LEU A 136 -9.17 11.37 -14.31
C LEU A 136 -9.45 10.68 -15.65
N MET A 137 -9.96 9.46 -15.60
CA MET A 137 -10.31 8.75 -16.82
C MET A 137 -11.55 9.36 -17.45
N GLY A 138 -12.59 9.48 -16.65
CA GLY A 138 -13.89 9.91 -17.14
C GLY A 138 -13.90 11.32 -17.71
N LEU A 139 -13.17 12.23 -17.08
CA LEU A 139 -13.24 13.64 -17.46
C LEU A 139 -12.04 14.10 -18.27
N VAL A 140 -10.84 13.71 -17.88
CA VAL A 140 -9.64 14.28 -18.47
C VAL A 140 -9.18 13.56 -19.73
N ARG A 141 -9.20 12.23 -19.70
CA ARG A 141 -8.61 11.43 -20.77
C ARG A 141 -9.71 10.73 -21.58
N THR A 142 -10.93 11.26 -21.50
CA THR A 142 -12.03 10.82 -22.36
C THR A 142 -12.61 12.01 -23.11
N ARG A 147 -18.44 9.78 -22.36
CA ARG A 147 -18.47 9.84 -20.91
C ARG A 147 -19.76 9.22 -20.35
N ASP A 148 -19.71 8.84 -19.08
CA ASP A 148 -20.77 8.06 -18.46
C ASP A 148 -21.32 8.78 -17.24
N GLN A 149 -22.23 9.73 -17.47
CA GLN A 149 -22.80 10.55 -16.40
C GLN A 149 -22.79 9.82 -15.06
N ALA A 150 -23.48 8.69 -14.99
CA ALA A 150 -23.51 7.89 -13.77
C ALA A 150 -22.10 7.72 -13.20
N ALA A 151 -21.34 6.80 -13.80
CA ALA A 151 -19.94 6.56 -13.43
C ALA A 151 -19.29 7.76 -12.75
N ILE A 152 -19.10 8.82 -13.52
CA ILE A 152 -18.41 10.02 -13.05
C ILE A 152 -19.10 10.63 -11.83
N GLU A 153 -20.41 10.86 -11.94
CA GLU A 153 -21.18 11.41 -10.83
C GLU A 153 -21.01 10.56 -9.58
N ALA A 154 -20.84 9.25 -9.78
CA ALA A 154 -20.67 8.32 -8.67
C ALA A 154 -19.28 8.46 -8.07
N GLY A 155 -18.29 8.62 -8.96
CA GLY A 155 -16.91 8.86 -8.55
C GLY A 155 -16.78 10.19 -7.83
N ILE A 156 -17.54 11.19 -8.26
CA ILE A 156 -17.52 12.49 -7.60
C ILE A 156 -18.04 12.34 -6.18
N GLU A 157 -19.13 11.60 -6.00
CA GLU A 157 -19.69 11.41 -4.67
C GLU A 157 -18.70 10.68 -3.78
N LYS A 158 -18.03 9.70 -4.33
CA LYS A 158 -17.05 8.91 -3.58
C LYS A 158 -15.88 9.80 -3.18
N CYS A 159 -15.36 10.59 -4.11
CA CYS A 159 -14.27 11.49 -3.77
C CYS A 159 -14.68 12.56 -2.74
N ASP A 160 -15.91 13.07 -2.86
CA ASP A 160 -16.37 14.08 -1.91
C ASP A 160 -16.43 13.48 -0.50
N SER A 161 -16.83 12.21 -0.41
N SER A 161 -16.85 12.22 -0.42
CA SER A 161 -16.88 11.49 0.86
CA SER A 161 -16.88 11.50 0.85
C SER A 161 -15.48 11.21 1.40
C SER A 161 -15.47 11.26 1.39
N LEU A 162 -14.54 10.92 0.51
CA LEU A 162 -13.14 10.76 0.94
C LEU A 162 -12.56 12.10 1.39
N PHE A 163 -12.98 13.19 0.75
CA PHE A 163 -12.53 14.52 1.18
C PHE A 163 -13.05 14.88 2.59
N ALA A 164 -14.25 14.37 2.93
CA ALA A 164 -14.80 14.56 4.29
C ALA A 164 -13.93 13.85 5.31
N LEU A 165 -13.52 12.62 4.97
CA LEU A 165 -12.62 11.87 5.83
C LEU A 165 -11.27 12.56 6.06
N LEU A 166 -10.67 13.08 4.97
CA LEU A 166 -9.39 13.76 5.06
C LEU A 166 -9.49 15.06 5.86
N ASP A 167 -10.60 15.77 5.67
CA ASP A 167 -10.87 17.02 6.39
C ASP A 167 -10.92 16.76 7.90
N ASP A 168 -11.61 15.68 8.29
CA ASP A 168 -11.65 15.30 9.71
C ASP A 168 -10.28 14.90 10.24
N ALA A 169 -9.53 14.17 9.42
CA ALA A 169 -8.20 13.71 9.83
C ALA A 169 -7.27 14.84 10.14
N LEU A 170 -7.52 15.99 9.51
CA LEU A 170 -6.66 17.16 9.67
C LEU A 170 -7.22 18.16 10.69
N ALA A 171 -8.27 17.77 11.40
CA ALA A 171 -8.89 18.69 12.40
C ALA A 171 -7.93 19.08 13.53
N HIS A 172 -7.04 18.18 13.93
CA HIS A 172 -6.20 18.39 15.10
C HIS A 172 -4.70 18.20 14.86
N GLN A 173 -4.29 18.21 13.61
CA GLN A 173 -2.88 18.15 13.28
C GLN A 173 -2.66 18.85 11.96
N PRO A 174 -1.46 19.40 11.77
CA PRO A 174 -1.21 20.23 10.60
C PRO A 174 -0.91 19.43 9.33
N TRP A 175 -0.44 18.20 9.48
CA TRP A 175 0.03 17.40 8.35
C TRP A 175 -0.44 15.97 8.54
N PHE A 176 -0.59 15.23 7.44
CA PHE A 176 -0.86 13.79 7.56
C PHE A 176 0.26 13.06 8.28
N SER A 177 1.50 13.55 8.11
CA SER A 177 2.64 12.96 8.80
C SER A 177 2.80 13.40 10.24
N GLY A 178 1.87 14.23 10.71
CA GLY A 178 1.86 14.68 12.11
C GLY A 178 2.28 16.13 12.31
N ASP A 179 3.29 16.32 13.16
CA ASP A 179 3.73 17.67 13.51
C ASP A 179 4.40 18.37 12.34
N ASN A 180 4.98 17.59 11.44
CA ASN A 180 5.74 18.11 10.32
C ASN A 180 5.33 17.48 9.00
N PHE A 181 5.53 18.24 7.93
CA PHE A 181 5.34 17.80 6.56
C PHE A 181 6.13 16.54 6.35
N GLY A 182 5.55 15.56 5.67
CA GLY A 182 6.27 14.32 5.45
C GLY A 182 5.70 13.45 4.36
N THR A 183 6.10 12.17 4.38
CA THR A 183 5.80 11.28 3.28
C THR A 183 4.33 10.85 3.14
N GLY A 184 3.55 10.93 4.23
CA GLY A 184 2.11 10.76 4.08
C GLY A 184 1.46 11.86 3.26
N ASP A 185 1.92 13.09 3.47
CA ASP A 185 1.46 14.23 2.69
C ASP A 185 1.86 14.14 1.20
N ILE A 186 3.09 13.70 0.97
CA ILE A 186 3.60 13.47 -0.39
C ILE A 186 2.77 12.43 -1.15
N ALA A 187 2.37 11.35 -0.46
CA ALA A 187 1.58 10.35 -1.13
C ALA A 187 0.20 10.81 -1.53
N ILE A 188 -0.46 11.60 -0.67
CA ILE A 188 -1.85 12.01 -0.90
C ILE A 188 -1.99 13.16 -1.89
N ALA A 189 -1.11 14.14 -1.81
CA ALA A 189 -1.35 15.42 -2.47
C ALA A 189 -1.43 15.36 -4.02
N PRO A 190 -0.64 14.49 -4.70
CA PRO A 190 -0.80 14.59 -6.16
C PRO A 190 -2.17 14.21 -6.65
N PHE A 191 -2.87 13.31 -5.94
CA PHE A 191 -4.22 12.94 -6.32
C PHE A 191 -5.15 14.13 -6.06
N VAL A 192 -4.99 14.76 -4.91
CA VAL A 192 -5.84 15.89 -4.53
C VAL A 192 -5.63 17.00 -5.53
N TYR A 193 -4.39 17.23 -5.94
CA TYR A 193 -4.09 18.27 -6.95
C TYR A 193 -4.93 18.07 -8.21
N ASN A 194 -4.89 16.89 -8.81
CA ASN A 194 -5.72 16.57 -9.95
C ASN A 194 -7.20 16.88 -9.72
N LEU A 195 -7.73 16.41 -8.59
CA LEU A 195 -9.15 16.54 -8.30
C LEU A 195 -9.59 17.98 -8.12
N LEU A 196 -8.67 18.83 -7.69
CA LEU A 196 -8.99 20.25 -7.51
C LEU A 196 -8.73 21.06 -8.78
N ASN A 197 -8.36 20.39 -9.87
CA ASN A 197 -8.01 21.10 -11.11
C ASN A 197 -8.61 20.46 -12.38
N VAL A 198 -9.83 19.95 -12.28
CA VAL A 198 -10.54 19.42 -13.44
C VAL A 198 -11.89 20.12 -13.62
N GLY A 199 -11.99 21.34 -13.11
CA GLY A 199 -13.18 22.16 -13.26
C GLY A 199 -14.36 21.80 -12.38
N LEU A 200 -14.11 21.03 -11.32
CA LEU A 200 -15.17 20.65 -10.40
C LEU A 200 -15.12 21.51 -9.16
N LYS A 201 -16.29 21.72 -8.55
CA LYS A 201 -16.33 22.40 -7.27
C LYS A 201 -16.82 21.40 -6.25
N TRP A 202 -16.19 21.42 -5.11
CA TRP A 202 -16.45 20.44 -4.07
C TRP A 202 -17.08 21.09 -2.86
N THR A 203 -17.71 20.26 -2.03
CA THR A 203 -18.09 20.68 -0.68
C THR A 203 -16.87 21.27 0.00
N PRO A 204 -17.00 22.49 0.56
CA PRO A 204 -15.89 23.06 1.29
C PRO A 204 -15.35 22.17 2.39
N ARG A 205 -14.02 22.08 2.49
CA ARG A 205 -13.33 21.29 3.50
C ARG A 205 -12.23 22.17 4.07
N PRO A 206 -12.53 22.90 5.15
CA PRO A 206 -11.58 23.94 5.57
C PRO A 206 -10.22 23.45 6.06
N ASN A 207 -10.16 22.28 6.69
CA ASN A 207 -8.86 21.82 7.19
C ASN A 207 -8.04 21.30 6.00
N LEU A 208 -8.72 20.63 5.07
CA LEU A 208 -8.08 20.11 3.87
C LEU A 208 -7.60 21.27 3.03
N GLN A 209 -8.40 22.32 2.93
CA GLN A 209 -8.01 23.49 2.13
C GLN A 209 -6.84 24.24 2.74
N ARG A 210 -6.86 24.43 4.05
CA ARG A 210 -5.72 24.99 4.76
C ARG A 210 -4.44 24.20 4.50
N TRP A 211 -4.54 22.87 4.56
CA TRP A 211 -3.40 22.02 4.26
C TRP A 211 -2.90 22.19 2.83
N TYR A 212 -3.82 22.17 1.88
CA TYR A 212 -3.46 22.33 0.49
C TYR A 212 -2.76 23.68 0.29
N GLN A 213 -3.26 24.75 0.92
CA GLN A 213 -2.60 26.03 0.78
C GLN A 213 -1.13 25.97 1.27
N GLN A 214 -0.92 25.25 2.37
N GLN A 214 -0.86 25.27 2.36
CA GLN A 214 0.43 25.05 2.92
CA GLN A 214 0.51 25.19 2.83
C GLN A 214 1.34 24.47 1.82
C GLN A 214 1.39 24.45 1.82
N LEU A 215 0.84 23.47 1.13
CA LEU A 215 1.62 22.81 0.06
C LEU A 215 1.95 23.78 -1.09
N THR A 216 1.01 24.63 -1.46
CA THR A 216 1.25 25.58 -2.56
C THR A 216 2.36 26.57 -2.25
N GLU A 217 2.73 26.66 -0.98
CA GLU A 217 3.81 27.53 -0.54
C GLU A 217 5.17 26.86 -0.61
N ARG A 218 5.19 25.57 -0.97
CA ARG A 218 6.45 24.86 -1.06
C ARG A 218 6.97 24.89 -2.49
N PRO A 219 8.19 25.41 -2.68
CA PRO A 219 8.73 25.53 -4.05
C PRO A 219 8.77 24.20 -4.80
N ALA A 220 9.12 23.11 -4.13
CA ALA A 220 9.21 21.81 -4.79
C ALA A 220 7.83 21.34 -5.29
N PHE A 221 6.80 21.61 -4.49
CA PHE A 221 5.42 21.29 -4.87
C PHE A 221 4.97 22.11 -6.08
N ARG A 222 5.28 23.40 -6.07
N ARG A 222 5.29 23.40 -6.06
CA ARG A 222 4.93 24.26 -7.19
CA ARG A 222 4.94 24.27 -7.17
C ARG A 222 5.62 23.81 -8.46
C ARG A 222 5.61 23.81 -8.46
N LYS A 223 6.88 23.42 -8.34
CA LYS A 223 7.66 22.97 -9.49
C LYS A 223 7.13 21.67 -10.13
N VAL A 224 6.97 20.64 -9.29
CA VAL A 224 6.67 19.27 -9.73
C VAL A 224 5.19 18.98 -9.90
N VAL A 225 4.39 19.38 -8.92
CA VAL A 225 3.00 18.97 -8.89
C VAL A 225 2.08 19.95 -9.60
N MET A 226 2.33 21.25 -9.42
CA MET A 226 1.44 22.29 -9.96
C MET A 226 1.74 22.57 -11.44
N ILE A 227 1.46 21.58 -12.28
CA ILE A 227 1.61 21.70 -13.73
C ILE A 227 0.29 21.34 -14.35
N PRO A 228 0.14 21.55 -15.66
CA PRO A 228 -1.17 21.29 -16.26
C PRO A 228 -1.64 19.85 -16.09
N VAL A 229 -2.95 19.68 -15.88
CA VAL A 229 -3.57 18.37 -15.86
C VAL A 229 -3.84 17.88 -17.27
N THR A 230 -3.11 16.84 -17.67
CA THR A 230 -3.29 16.27 -19.00
C THR A 230 -3.27 14.74 -18.94
N TYR B 19 -6.02 -8.41 35.45
CA TYR B 19 -7.28 -9.01 34.92
C TYR B 19 -7.04 -9.65 33.54
N PHE B 20 -5.78 -10.01 33.29
CA PHE B 20 -5.41 -10.80 32.12
C PHE B 20 -5.43 -9.99 30.82
N GLN B 21 -5.25 -8.67 30.93
CA GLN B 21 -5.29 -7.78 29.77
C GLN B 21 -3.88 -7.42 29.27
N SER B 22 -3.71 -7.34 27.95
CA SER B 22 -2.41 -7.08 27.33
C SER B 22 -2.30 -5.65 26.83
N MET B 23 -1.06 -5.24 26.55
CA MET B 23 -0.74 -3.90 26.06
C MET B 23 -1.07 -3.70 24.58
N ILE B 24 -1.11 -4.80 23.83
CA ILE B 24 -1.50 -4.71 22.41
C ILE B 24 -2.88 -5.31 22.25
N THR B 25 -3.76 -4.56 21.60
CA THR B 25 -5.10 -4.97 21.25
C THR B 25 -5.19 -4.99 19.73
N LEU B 26 -5.76 -6.06 19.20
CA LEU B 26 -5.98 -6.22 17.78
C LEU B 26 -7.46 -6.45 17.51
N TRP B 27 -8.07 -5.62 16.69
CA TRP B 27 -9.42 -5.83 16.21
C TRP B 27 -9.43 -6.52 14.86
N GLY B 28 -10.20 -7.60 14.73
CA GLY B 28 -10.39 -8.25 13.44
C GLY B 28 -10.66 -9.73 13.50
N ARG B 29 -11.34 -10.19 12.48
CA ARG B 29 -11.70 -11.58 12.33
C ARG B 29 -10.58 -12.41 11.69
N ASN B 30 -10.56 -13.68 12.02
CA ASN B 30 -9.46 -14.57 11.66
C ASN B 30 -9.38 -14.94 10.18
N ASN B 31 -10.51 -14.86 9.46
CA ASN B 31 -10.52 -15.21 8.03
C ASN B 31 -10.37 -14.01 7.10
N SER B 32 -9.66 -12.99 7.57
CA SER B 32 -9.30 -11.84 6.76
C SER B 32 -7.82 -11.88 6.42
N THR B 33 -7.51 -11.72 5.13
CA THR B 33 -6.12 -11.66 4.71
C THR B 33 -5.33 -10.58 5.42
N ASN B 34 -5.92 -9.38 5.52
CA ASN B 34 -5.25 -8.26 6.12
C ASN B 34 -5.07 -8.40 7.61
N VAL B 35 -6.06 -9.00 8.31
CA VAL B 35 -5.93 -9.28 9.73
C VAL B 35 -4.88 -10.38 9.96
N LYS B 36 -4.89 -11.42 9.11
CA LYS B 36 -3.91 -12.48 9.21
C LYS B 36 -2.49 -11.97 9.18
N LYS B 37 -2.21 -10.96 8.37
CA LYS B 37 -0.85 -10.44 8.31
C LYS B 37 -0.40 -10.04 9.69
N VAL B 38 -1.29 -9.34 10.41
CA VAL B 38 -0.97 -8.80 11.73
C VAL B 38 -0.90 -9.91 12.79
N LEU B 39 -1.88 -10.78 12.85
CA LEU B 39 -1.83 -11.94 13.74
C LEU B 39 -0.51 -12.71 13.53
N TRP B 40 -0.17 -12.94 12.27
CA TRP B 40 1.01 -13.72 11.94
C TRP B 40 2.26 -13.02 12.44
N THR B 41 2.35 -11.72 12.21
CA THR B 41 3.50 -10.96 12.70
C THR B 41 3.61 -11.02 14.20
N LEU B 42 2.50 -10.82 14.91
CA LEU B 42 2.49 -10.88 16.38
C LEU B 42 2.99 -12.22 16.86
N GLU B 43 2.54 -13.30 16.23
CA GLU B 43 2.98 -14.64 16.58
C GLU B 43 4.47 -14.86 16.25
N GLU B 44 4.94 -14.41 15.10
CA GLU B 44 6.35 -14.56 14.75
C GLU B 44 7.24 -13.89 15.79
N LEU B 45 6.81 -12.73 16.29
CA LEU B 45 7.61 -11.96 17.23
C LEU B 45 7.32 -12.37 18.68
N GLU B 46 6.45 -13.35 18.86
CA GLU B 46 6.08 -13.85 20.18
C GLU B 46 5.59 -12.74 21.09
N LEU B 47 4.78 -11.85 20.54
CA LEU B 47 4.21 -10.76 21.32
C LEU B 47 2.87 -11.18 21.89
N PRO B 48 2.60 -10.83 23.16
CA PRO B 48 1.26 -11.02 23.72
C PRO B 48 0.29 -10.01 23.12
N TYR B 49 -0.96 -10.43 22.94
CA TYR B 49 -1.99 -9.54 22.45
C TYR B 49 -3.37 -10.02 22.84
N ASP B 50 -4.30 -9.09 22.90
CA ASP B 50 -5.70 -9.40 23.06
C ASP B 50 -6.42 -9.15 21.75
N GLN B 51 -7.13 -10.12 21.27
CA GLN B 51 -7.95 -9.96 20.08
C GLN B 51 -9.41 -9.66 20.40
N ILE B 52 -9.96 -8.68 19.70
CA ILE B 52 -11.37 -8.37 19.70
C ILE B 52 -11.93 -8.70 18.33
N LEU B 53 -12.82 -9.68 18.25
CA LEU B 53 -13.44 -10.01 16.98
C LEU B 53 -14.22 -8.82 16.44
N ALA B 54 -14.05 -8.56 15.15
CA ALA B 54 -14.67 -7.41 14.50
C ALA B 54 -14.68 -7.64 12.99
N GLY B 55 -15.66 -7.07 12.32
CA GLY B 55 -15.85 -7.31 10.90
C GLY B 55 -16.90 -8.34 10.60
N GLY B 56 -17.55 -8.19 9.44
CA GLY B 56 -18.61 -9.09 9.04
C GLY B 56 -19.70 -9.21 10.11
N LYS B 57 -20.08 -10.44 10.36
CA LYS B 57 -21.18 -10.73 11.27
C LYS B 57 -20.83 -10.47 12.71
N PHE B 58 -19.56 -10.20 12.99
CA PHE B 58 -19.17 -9.85 14.35
C PHE B 58 -19.50 -8.41 14.73
N GLY B 59 -19.76 -7.58 13.72
CA GLY B 59 -19.96 -6.16 13.92
C GLY B 59 -18.73 -5.46 14.50
N VAL B 60 -18.98 -4.44 15.31
CA VAL B 60 -17.96 -3.61 15.95
C VAL B 60 -17.41 -2.54 14.98
N ASN B 61 -17.02 -2.96 13.79
CA ASN B 61 -16.30 -2.04 12.91
C ASN B 61 -17.12 -0.93 12.28
N GLN B 62 -18.44 -0.92 12.44
CA GLN B 62 -19.22 0.20 11.92
C GLN B 62 -19.88 0.97 13.04
N ASP B 63 -19.47 0.67 14.27
CA ASP B 63 -20.00 1.38 15.45
C ASP B 63 -19.35 2.77 15.46
N ALA B 64 -20.02 3.75 16.06
CA ALA B 64 -19.49 5.08 16.09
C ALA B 64 -18.17 5.13 16.82
N ASP B 65 -18.05 4.36 17.90
CA ASP B 65 -16.85 4.33 18.72
C ASP B 65 -15.67 3.80 17.92
N TYR B 66 -15.94 2.85 17.03
CA TYR B 66 -14.87 2.28 16.22
C TYR B 66 -14.48 3.23 15.10
N LEU B 67 -15.47 3.87 14.49
CA LEU B 67 -15.21 4.83 13.42
C LEU B 67 -14.38 6.01 13.90
N ALA B 68 -14.50 6.35 15.18
CA ALA B 68 -13.66 7.37 15.77
C ALA B 68 -12.18 6.94 15.85
N MET B 69 -11.92 5.63 15.83
CA MET B 69 -10.55 5.12 15.84
C MET B 69 -10.04 4.86 14.42
N ASN B 70 -10.94 4.41 13.55
CA ASN B 70 -10.62 4.15 12.13
C ASN B 70 -11.82 4.57 11.29
N PRO B 71 -11.71 5.77 10.67
CA PRO B 71 -12.87 6.27 9.94
C PRO B 71 -13.26 5.45 8.73
N ASN B 72 -12.37 4.54 8.28
CA ASN B 72 -12.71 3.65 7.19
C ASN B 72 -13.61 2.47 7.59
N GLY B 73 -13.72 2.23 8.89
CA GLY B 73 -14.56 1.16 9.40
C GLY B 73 -14.14 -0.22 8.91
N LEU B 74 -12.83 -0.44 8.78
CA LEU B 74 -12.30 -1.72 8.35
C LEU B 74 -11.40 -2.33 9.42
N VAL B 75 -11.11 -3.63 9.26
CA VAL B 75 -10.14 -4.31 10.11
C VAL B 75 -8.96 -4.72 9.26
N PRO B 76 -7.75 -4.79 9.85
CA PRO B 76 -7.39 -4.67 11.25
C PRO B 76 -7.23 -3.25 11.77
N LEU B 77 -7.36 -3.11 13.09
CA LEU B 77 -6.98 -1.95 13.85
C LEU B 77 -6.11 -2.47 14.97
N LEU B 78 -5.02 -1.80 15.31
CA LEU B 78 -4.12 -2.20 16.38
C LEU B 78 -3.86 -1.04 17.34
N LYS B 79 -3.99 -1.32 18.64
CA LYS B 79 -3.65 -0.36 19.69
C LYS B 79 -2.43 -0.88 20.41
N ASP B 80 -1.43 -0.02 20.60
CA ASP B 80 -0.25 -0.36 21.39
C ASP B 80 -0.12 0.67 22.52
N ASP B 81 -0.46 0.23 23.72
CA ASP B 81 -0.46 1.12 24.86
C ASP B 81 0.94 1.52 25.29
N GLU B 82 1.93 0.73 24.92
CA GLU B 82 3.32 1.04 25.24
C GLU B 82 3.76 2.32 24.52
N THR B 83 3.25 2.54 23.32
CA THR B 83 3.70 3.67 22.51
C THR B 83 2.59 4.67 22.18
N ASP B 84 1.44 4.55 22.83
CA ASP B 84 0.32 5.47 22.64
C ASP B 84 -0.09 5.53 21.17
N LEU B 85 -0.23 4.34 20.59
CA LEU B 85 -0.48 4.20 19.17
C LEU B 85 -1.82 3.55 18.92
N LEU B 86 -2.55 4.11 17.96
CA LEU B 86 -3.78 3.52 17.47
C LEU B 86 -3.66 3.57 15.95
N LEU B 87 -3.61 2.40 15.30
CA LEU B 87 -3.09 2.32 13.92
C LEU B 87 -3.96 1.42 13.06
N TRP B 88 -4.35 1.90 11.89
CA TRP B 88 -4.99 1.09 10.87
C TRP B 88 -4.09 1.12 9.60
N GLU B 89 -4.46 0.32 8.60
CA GLU B 89 -3.64 -0.12 7.45
C GLU B 89 -2.75 -1.29 7.85
N SER B 90 -3.15 -2.48 7.42
CA SER B 90 -2.44 -3.70 7.78
C SER B 90 -0.94 -3.63 7.49
N ASN B 91 -0.55 -3.10 6.32
CA ASN B 91 0.86 -3.10 6.02
C ASN B 91 1.65 -2.16 6.91
N ALA B 92 1.04 -1.02 7.25
CA ALA B 92 1.68 -0.11 8.21
C ALA B 92 1.80 -0.73 9.59
N ILE B 93 0.78 -1.49 9.99
CA ILE B 93 0.82 -2.19 11.27
C ILE B 93 1.98 -3.21 11.27
N VAL B 94 2.11 -3.99 10.19
CA VAL B 94 3.19 -4.96 10.10
C VAL B 94 4.56 -4.27 10.16
N ARG B 95 4.76 -3.20 9.40
CA ARG B 95 6.04 -2.49 9.43
C ARG B 95 6.35 -1.86 10.78
N TYR B 96 5.31 -1.38 11.47
CA TYR B 96 5.45 -0.89 12.83
C TYR B 96 5.93 -1.98 13.78
N LEU B 97 5.23 -3.11 13.78
CA LEU B 97 5.63 -4.19 14.67
C LEU B 97 7.05 -4.65 14.39
N ALA B 98 7.40 -4.77 13.12
CA ALA B 98 8.76 -5.16 12.74
C ALA B 98 9.82 -4.19 13.27
N ALA B 99 9.62 -2.88 13.06
CA ALA B 99 10.61 -1.88 13.48
C ALA B 99 10.67 -1.74 14.99
N GLN B 100 9.54 -1.87 15.67
CA GLN B 100 9.48 -1.64 17.11
C GLN B 100 9.89 -2.87 17.92
N TYR B 101 9.47 -4.05 17.48
CA TYR B 101 9.61 -5.29 18.26
C TYR B 101 10.42 -6.36 17.56
N GLY B 102 10.72 -6.13 16.29
CA GLY B 102 11.40 -7.12 15.49
C GLY B 102 12.75 -6.69 14.93
N GLN B 103 13.44 -5.80 15.63
CA GLN B 103 14.80 -5.47 15.22
C GLN B 103 15.62 -6.74 15.31
N ASN B 104 16.45 -6.94 14.30
CA ASN B 104 17.28 -8.13 14.18
C ASN B 104 16.49 -9.45 14.02
N ARG B 105 15.21 -9.36 13.65
N ARG B 105 15.23 -9.36 13.62
CA ARG B 105 14.39 -10.54 13.34
CA ARG B 105 14.46 -10.55 13.22
C ARG B 105 13.60 -10.36 12.04
C ARG B 105 13.70 -10.26 11.94
N LEU B 106 12.78 -9.31 11.98
CA LEU B 106 11.94 -9.01 10.81
C LEU B 106 12.17 -7.63 10.20
N TRP B 107 12.90 -6.77 10.88
CA TRP B 107 13.16 -5.44 10.35
C TRP B 107 14.52 -5.44 9.66
N VAL B 108 14.56 -4.93 8.44
CA VAL B 108 15.82 -4.79 7.71
C VAL B 108 16.25 -3.34 7.86
N ASP B 109 17.41 -3.14 8.47
CA ASP B 109 17.86 -1.78 8.82
C ASP B 109 18.30 -0.96 7.64
N ASN B 110 18.99 -1.58 6.69
CA ASN B 110 19.51 -0.86 5.53
C ASN B 110 18.35 -0.38 4.66
N PRO B 111 18.26 0.95 4.40
CA PRO B 111 17.11 1.41 3.60
C PRO B 111 16.94 0.76 2.23
N ALA B 112 18.01 0.57 1.46
CA ALA B 112 17.87 0.00 0.11
C ALA B 112 17.43 -1.47 0.18
N ARG B 113 18.07 -2.25 1.04
CA ARG B 113 17.74 -3.66 1.13
C ARG B 113 16.32 -3.80 1.71
N ARG B 114 15.93 -2.88 2.59
CA ARG B 114 14.57 -2.89 3.12
C ARG B 114 13.55 -2.61 2.00
N ALA B 115 13.86 -1.61 1.16
CA ALA B 115 12.95 -1.22 0.09
C ALA B 115 12.68 -2.36 -0.89
N GLU B 116 13.71 -3.16 -1.17
CA GLU B 116 13.57 -4.25 -2.12
C GLU B 116 12.52 -5.25 -1.65
N GLY B 117 12.40 -5.42 -0.34
CA GLY B 117 11.36 -6.26 0.22
C GLY B 117 10.01 -5.56 0.38
N GLU B 118 10.05 -4.30 0.81
CA GLU B 118 8.86 -3.55 1.14
C GLU B 118 8.00 -3.23 -0.08
N LYS B 119 8.62 -3.09 -1.25
CA LYS B 119 7.83 -2.91 -2.46
C LYS B 119 6.76 -3.98 -2.63
N TRP B 120 7.04 -5.20 -2.15
CA TRP B 120 6.09 -6.29 -2.30
C TRP B 120 4.88 -6.15 -1.39
N MET B 121 5.02 -5.35 -0.31
CA MET B 121 3.85 -5.04 0.54
C MET B 121 2.86 -4.16 -0.21
N ASP B 122 3.38 -3.11 -0.83
CA ASP B 122 2.53 -2.24 -1.64
C ASP B 122 1.88 -3.07 -2.76
N TRP B 123 2.70 -3.90 -3.42
CA TRP B 123 2.20 -4.67 -4.57
C TRP B 123 1.12 -5.67 -4.12
N ALA B 124 1.31 -6.29 -2.97
CA ALA B 124 0.33 -7.25 -2.46
C ALA B 124 -1.06 -6.63 -2.38
N ASN B 125 -1.13 -5.42 -1.86
CA ASN B 125 -2.43 -4.82 -1.66
C ASN B 125 -2.96 -4.04 -2.87
N GLN B 126 -2.06 -3.56 -3.73
CA GLN B 126 -2.47 -2.74 -4.88
C GLN B 126 -2.69 -3.56 -6.14
N THR B 127 -1.96 -4.67 -6.27
CA THR B 127 -2.05 -5.51 -7.47
C THR B 127 -2.66 -6.89 -7.19
N LEU B 128 -2.13 -7.61 -6.21
CA LEU B 128 -2.62 -8.97 -5.95
C LEU B 128 -4.01 -8.97 -5.32
N SER B 129 -4.23 -8.10 -4.35
CA SER B 129 -5.50 -8.09 -3.61
C SER B 129 -6.73 -7.91 -4.52
N PRO B 130 -6.70 -6.92 -5.44
CA PRO B 130 -7.91 -6.79 -6.25
C PRO B 130 -8.21 -8.01 -7.10
N ALA B 131 -7.19 -8.69 -7.60
CA ALA B 131 -7.42 -9.91 -8.38
C ALA B 131 -7.92 -11.08 -7.50
N HIS B 132 -7.29 -11.24 -6.35
CA HIS B 132 -7.72 -12.21 -5.33
C HIS B 132 -9.19 -11.99 -4.93
N ARG B 133 -9.57 -10.73 -4.80
CA ARG B 133 -10.90 -10.38 -4.33
C ARG B 133 -11.98 -10.96 -5.26
N VAL B 134 -11.74 -10.92 -6.56
CA VAL B 134 -12.69 -11.48 -7.52
C VAL B 134 -12.97 -12.96 -7.21
N ILE B 135 -11.90 -13.68 -6.90
N ILE B 135 -11.92 -13.69 -6.91
CA ILE B 135 -11.97 -15.12 -6.71
CA ILE B 135 -12.02 -15.12 -6.72
C ILE B 135 -12.57 -15.46 -5.35
C ILE B 135 -12.60 -15.44 -5.35
N LEU B 136 -12.14 -14.76 -4.31
CA LEU B 136 -12.65 -15.00 -2.98
C LEU B 136 -14.16 -14.68 -2.93
N MET B 137 -14.53 -13.53 -3.46
CA MET B 137 -15.95 -13.14 -3.48
C MET B 137 -16.77 -14.12 -4.32
N GLY B 138 -16.21 -14.52 -5.46
CA GLY B 138 -16.94 -15.34 -6.42
C GLY B 138 -17.13 -16.79 -6.06
N LEU B 139 -16.11 -17.44 -5.51
CA LEU B 139 -16.16 -18.87 -5.24
C LEU B 139 -16.49 -19.17 -3.79
N VAL B 140 -16.07 -18.30 -2.90
CA VAL B 140 -16.23 -18.59 -1.48
C VAL B 140 -17.47 -17.91 -0.93
N ARG B 141 -17.72 -16.68 -1.32
CA ARG B 141 -18.77 -15.92 -0.64
C ARG B 141 -20.01 -15.68 -1.52
N THR B 142 -20.05 -16.37 -2.67
CA THR B 142 -21.22 -16.31 -3.56
C THR B 142 -21.69 -17.75 -3.89
N PRO B 143 -22.99 -18.03 -3.73
CA PRO B 143 -23.43 -19.39 -4.08
C PRO B 143 -23.41 -19.61 -5.60
N PRO B 144 -23.36 -20.88 -6.03
CA PRO B 144 -23.24 -21.15 -7.47
C PRO B 144 -24.31 -20.44 -8.33
N GLU B 145 -25.52 -20.28 -7.79
CA GLU B 145 -26.64 -19.71 -8.56
C GLU B 145 -26.50 -18.21 -8.80
N LYS B 146 -25.52 -17.56 -8.17
CA LYS B 146 -25.35 -16.12 -8.34
C LYS B 146 -23.95 -15.76 -8.85
N ARG B 147 -23.14 -16.77 -9.14
CA ARG B 147 -21.77 -16.53 -9.58
C ARG B 147 -21.71 -15.96 -10.99
N ASP B 148 -20.85 -14.97 -11.17
CA ASP B 148 -20.57 -14.44 -12.49
C ASP B 148 -19.38 -15.22 -13.05
N GLN B 149 -19.64 -16.25 -13.83
CA GLN B 149 -18.60 -17.17 -14.23
C GLN B 149 -17.56 -16.48 -15.12
N ALA B 150 -18.01 -15.53 -15.92
CA ALA B 150 -17.10 -14.78 -16.79
C ALA B 150 -16.10 -13.99 -15.97
N ALA B 151 -16.60 -13.31 -14.96
CA ALA B 151 -15.75 -12.49 -14.10
C ALA B 151 -14.73 -13.37 -13.37
N ILE B 152 -15.18 -14.53 -12.89
CA ILE B 152 -14.30 -15.42 -12.16
C ILE B 152 -13.20 -15.96 -13.06
N GLU B 153 -13.58 -16.37 -14.26
CA GLU B 153 -12.60 -16.87 -15.22
C GLU B 153 -11.54 -15.81 -15.53
N ALA B 154 -11.97 -14.56 -15.67
CA ALA B 154 -11.04 -13.46 -15.91
C ALA B 154 -10.15 -13.26 -14.69
N GLY B 155 -10.72 -13.38 -13.49
CA GLY B 155 -9.92 -13.28 -12.27
C GLY B 155 -8.89 -14.38 -12.20
N ILE B 156 -9.27 -15.59 -12.57
CA ILE B 156 -8.33 -16.71 -12.59
C ILE B 156 -7.19 -16.45 -13.58
N GLU B 157 -7.52 -16.01 -14.79
CA GLU B 157 -6.49 -15.65 -15.77
C GLU B 157 -5.52 -14.60 -15.20
N LYS B 158 -6.07 -13.56 -14.58
CA LYS B 158 -5.25 -12.50 -14.04
C LYS B 158 -4.35 -13.07 -12.93
N CYS B 159 -4.92 -13.85 -12.01
CA CYS B 159 -4.10 -14.39 -10.93
C CYS B 159 -3.03 -15.34 -11.47
N ASP B 160 -3.34 -16.13 -12.50
CA ASP B 160 -2.32 -17.02 -13.04
C ASP B 160 -1.15 -16.20 -13.62
N SER B 161 -1.45 -15.06 -14.24
CA SER B 161 -0.39 -14.18 -14.77
C SER B 161 0.43 -13.53 -13.64
N LEU B 162 -0.23 -13.19 -12.53
CA LEU B 162 0.49 -12.64 -11.40
C LEU B 162 1.38 -13.69 -10.73
N PHE B 163 0.92 -14.93 -10.72
CA PHE B 163 1.74 -16.04 -10.21
C PHE B 163 3.00 -16.24 -11.06
N ALA B 164 2.88 -16.00 -12.37
CA ALA B 164 4.06 -16.07 -13.26
C ALA B 164 5.07 -15.00 -12.87
N LEU B 165 4.57 -13.80 -12.58
CA LEU B 165 5.43 -12.73 -12.13
C LEU B 165 6.12 -13.05 -10.80
N LEU B 166 5.37 -13.57 -9.83
CA LEU B 166 5.96 -13.90 -8.55
C LEU B 166 6.99 -15.07 -8.66
N ASP B 167 6.69 -16.03 -9.51
CA ASP B 167 7.58 -17.16 -9.77
C ASP B 167 8.94 -16.67 -10.30
N ASP B 168 8.90 -15.71 -11.23
CA ASP B 168 10.13 -15.13 -11.78
C ASP B 168 10.88 -14.33 -10.72
N ALA B 169 10.13 -13.59 -9.88
CA ALA B 169 10.73 -12.80 -8.82
C ALA B 169 11.52 -13.63 -7.83
N LEU B 170 11.09 -14.89 -7.65
CA LEU B 170 11.74 -15.80 -6.70
C LEU B 170 12.80 -16.70 -7.34
N ALA B 171 13.13 -16.45 -8.60
CA ALA B 171 14.11 -17.30 -9.33
C ALA B 171 15.48 -17.27 -8.69
N HIS B 172 15.89 -16.12 -8.17
CA HIS B 172 17.25 -15.93 -7.68
C HIS B 172 17.33 -15.40 -6.26
N GLN B 173 16.25 -15.56 -5.49
CA GLN B 173 16.29 -15.24 -4.08
C GLN B 173 15.26 -16.08 -3.35
N PRO B 174 15.52 -16.37 -2.07
CA PRO B 174 14.68 -17.31 -1.32
C PRO B 174 13.37 -16.70 -0.81
N TRP B 175 13.34 -15.39 -0.64
CA TRP B 175 12.20 -14.70 -0.02
C TRP B 175 11.95 -13.40 -0.74
N PHE B 176 10.71 -12.93 -0.70
CA PHE B 176 10.41 -11.60 -1.22
C PHE B 176 11.21 -10.54 -0.50
N SER B 177 11.49 -10.76 0.78
CA SER B 177 12.26 -9.80 1.56
C SER B 177 13.76 -9.93 1.38
N GLY B 178 14.17 -10.87 0.52
CA GLY B 178 15.57 -11.04 0.14
C GLY B 178 16.23 -12.26 0.73
N ASP B 179 17.30 -12.05 1.48
CA ASP B 179 18.05 -13.15 2.06
C ASP B 179 17.30 -13.91 3.15
N ASN B 180 16.38 -13.22 3.83
CA ASN B 180 15.66 -13.77 4.96
C ASN B 180 14.16 -13.50 4.83
N PHE B 181 13.39 -14.37 5.46
CA PHE B 181 11.94 -14.20 5.59
C PHE B 181 11.65 -12.82 6.16
N GLY B 182 10.67 -12.12 5.61
CA GLY B 182 10.37 -10.80 6.12
C GLY B 182 8.99 -10.29 5.79
N THR B 183 8.82 -8.98 5.95
CA THR B 183 7.49 -8.39 5.86
C THR B 183 6.91 -8.34 4.45
N GLY B 184 7.75 -8.40 3.40
CA GLY B 184 7.20 -8.59 2.05
C GLY B 184 6.54 -9.95 1.90
N ASP B 185 7.16 -10.98 2.46
CA ASP B 185 6.55 -12.30 2.49
C ASP B 185 5.22 -12.37 3.27
N ILE B 186 5.20 -11.70 4.41
CA ILE B 186 4.01 -11.61 5.26
C ILE B 186 2.86 -10.95 4.51
N ALA B 187 3.15 -9.91 3.72
CA ALA B 187 2.08 -9.25 3.00
C ALA B 187 1.48 -10.06 1.89
N ILE B 188 2.31 -10.83 1.17
CA ILE B 188 1.83 -11.57 -0.01
C ILE B 188 1.10 -12.87 0.37
N ALA B 189 1.63 -13.57 1.36
CA ALA B 189 1.25 -14.96 1.58
C ALA B 189 -0.24 -15.23 1.91
N PRO B 190 -0.90 -14.36 2.70
CA PRO B 190 -2.29 -14.74 3.04
C PRO B 190 -3.16 -14.79 1.80
N PHE B 191 -2.84 -13.96 0.81
CA PHE B 191 -3.61 -13.98 -0.45
C PHE B 191 -3.34 -15.28 -1.22
N VAL B 192 -2.07 -15.63 -1.30
CA VAL B 192 -1.69 -16.84 -1.99
C VAL B 192 -2.32 -18.03 -1.31
N TYR B 193 -2.36 -18.04 0.02
CA TYR B 193 -2.98 -19.15 0.76
C TYR B 193 -4.44 -19.38 0.29
N ASN B 194 -5.26 -18.33 0.27
CA ASN B 194 -6.63 -18.45 -0.20
C ASN B 194 -6.69 -19.03 -1.61
N LEU B 195 -5.85 -18.48 -2.50
CA LEU B 195 -5.90 -18.88 -3.91
C LEU B 195 -5.52 -20.35 -4.13
N LEU B 196 -4.71 -20.89 -3.24
CA LEU B 196 -4.28 -22.28 -3.32
C LEU B 196 -5.25 -23.22 -2.59
N ASN B 197 -6.31 -22.69 -1.98
CA ASN B 197 -7.22 -23.50 -1.16
C ASN B 197 -8.71 -23.27 -1.45
N VAL B 198 -9.05 -23.06 -2.72
CA VAL B 198 -10.42 -22.87 -3.16
C VAL B 198 -10.82 -23.86 -4.25
N GLY B 199 -10.04 -24.93 -4.40
CA GLY B 199 -10.39 -25.99 -5.34
C GLY B 199 -9.90 -25.79 -6.76
N LEU B 200 -9.03 -24.80 -6.97
CA LEU B 200 -8.48 -24.53 -8.30
C LEU B 200 -7.10 -25.17 -8.45
N LYS B 201 -6.80 -25.56 -9.68
CA LYS B 201 -5.46 -25.95 -10.01
C LYS B 201 -4.89 -24.88 -10.92
N TRP B 202 -3.62 -24.59 -10.70
CA TRP B 202 -2.94 -23.50 -11.38
C TRP B 202 -1.83 -24.08 -12.24
N THR B 203 -1.38 -23.29 -13.20
CA THR B 203 -0.12 -23.58 -13.91
C THR B 203 0.98 -23.75 -12.85
N PRO B 204 1.77 -24.83 -12.94
CA PRO B 204 2.86 -24.97 -11.97
C PRO B 204 3.84 -23.80 -11.95
N ARG B 205 4.24 -23.43 -10.74
CA ARG B 205 5.18 -22.33 -10.52
C ARG B 205 6.21 -22.80 -9.49
N PRO B 206 7.32 -23.40 -9.98
CA PRO B 206 8.20 -24.08 -9.04
C PRO B 206 8.88 -23.22 -7.97
N ASN B 207 9.24 -21.97 -8.30
CA ASN B 207 9.92 -21.15 -7.30
C ASN B 207 8.87 -20.68 -6.26
N LEU B 208 7.68 -20.33 -6.76
CA LEU B 208 6.58 -19.91 -5.89
C LEU B 208 6.20 -21.07 -4.97
N GLN B 209 6.16 -22.28 -5.51
CA GLN B 209 5.77 -23.44 -4.71
C GLN B 209 6.81 -23.76 -3.63
N ARG B 210 8.08 -23.71 -3.98
CA ARG B 210 9.16 -23.88 -3.02
C ARG B 210 9.08 -22.88 -1.87
N TRP B 211 8.84 -21.62 -2.20
CA TRP B 211 8.62 -20.58 -1.19
C TRP B 211 7.43 -20.90 -0.31
N TYR B 212 6.30 -21.27 -0.90
CA TYR B 212 5.12 -21.57 -0.12
C TYR B 212 5.39 -22.72 0.83
N GLN B 213 6.07 -23.75 0.35
CA GLN B 213 6.40 -24.88 1.23
C GLN B 213 7.22 -24.40 2.46
N GLN B 214 8.17 -23.51 2.21
N GLN B 214 8.15 -23.50 2.26
CA GLN B 214 8.98 -22.87 3.27
CA GLN B 214 8.92 -23.03 3.41
C GLN B 214 8.05 -22.29 4.35
C GLN B 214 8.03 -22.29 4.41
N LEU B 215 7.00 -21.60 3.91
CA LEU B 215 6.06 -20.96 4.84
C LEU B 215 5.33 -21.98 5.69
N THR B 216 4.95 -23.10 5.06
CA THR B 216 4.19 -24.12 5.78
C THR B 216 4.99 -24.77 6.88
N GLU B 217 6.31 -24.57 6.88
CA GLU B 217 7.18 -25.10 7.93
C GLU B 217 7.30 -24.15 9.13
N ARG B 218 6.69 -22.97 9.02
CA ARG B 218 6.75 -21.99 10.10
C ARG B 218 5.56 -22.12 11.03
N PRO B 219 5.81 -22.40 12.33
CA PRO B 219 4.67 -22.64 13.22
C PRO B 219 3.63 -21.50 13.26
N ALA B 220 4.11 -20.25 13.17
CA ALA B 220 3.21 -19.09 13.24
C ALA B 220 2.29 -19.03 12.02
N PHE B 221 2.84 -19.36 10.85
CA PHE B 221 2.03 -19.47 9.62
C PHE B 221 0.98 -20.59 9.70
N ARG B 222 1.39 -21.76 10.18
N ARG B 222 1.40 -21.75 10.19
CA ARG B 222 0.45 -22.85 10.35
CA ARG B 222 0.48 -22.86 10.36
C ARG B 222 -0.68 -22.49 11.31
C ARG B 222 -0.67 -22.48 11.32
N LYS B 223 -0.33 -21.81 12.41
CA LYS B 223 -1.32 -21.39 13.40
C LYS B 223 -2.34 -20.39 12.87
N VAL B 224 -1.85 -19.32 12.25
CA VAL B 224 -2.68 -18.16 11.89
C VAL B 224 -3.26 -18.23 10.47
N VAL B 225 -2.43 -18.62 9.53
CA VAL B 225 -2.84 -18.51 8.14
C VAL B 225 -3.52 -19.78 7.65
N MET B 226 -3.01 -20.92 8.09
CA MET B 226 -3.50 -22.20 7.58
C MET B 226 -4.73 -22.70 8.34
N ILE B 227 -5.83 -21.97 8.17
CA ILE B 227 -7.11 -22.29 8.78
C ILE B 227 -8.12 -22.36 7.64
N PRO B 228 -9.35 -22.80 7.93
CA PRO B 228 -10.28 -23.00 6.81
C PRO B 228 -10.56 -21.71 6.06
N VAL B 229 -10.69 -21.85 4.74
CA VAL B 229 -11.11 -20.74 3.92
C VAL B 229 -12.62 -20.57 4.01
N THR B 230 -13.05 -19.49 4.62
CA THR B 230 -14.47 -19.19 4.75
C THR B 230 -14.67 -17.70 4.47
N1 GSH C . 1.59 0.84 -7.71
CA1 GSH C . 2.36 1.62 -8.66
C1 GSH C . 3.07 2.73 -7.98
O11 GSH C . 2.54 3.25 -6.96
O12 GSH C . 4.21 3.18 -8.34
CB1 GSH C . 1.41 2.15 -9.68
CG1 GSH C . 2.21 2.79 -10.81
CD1 GSH C . 1.29 3.19 -11.95
OE1 GSH C . 0.10 2.91 -12.03
N2 GSH C . 1.91 3.98 -12.98
CA2 GSH C . 1.14 4.48 -14.09
C2 GSH C . 1.67 3.86 -15.38
O2 GSH C . 2.84 3.44 -15.47
CB2 GSH C . 1.21 5.98 -14.08
SG2 GSH C . 0.30 6.77 -12.75
N3 GSH C . 0.73 3.72 -16.46
CA3 GSH C . 1.15 3.12 -17.72
C3 GSH C . 1.75 4.12 -18.64
O31 GSH C . 1.81 5.32 -18.31
O32 GSH C . 2.19 3.71 -19.75
HN11 GSH C . 1.35 0.04 -8.10
HN12 GSH C . 2.09 0.68 -6.97
HA1 GSH C . 3.01 1.04 -9.10
HB12 GSH C . 0.86 1.42 -10.02
HB13 GSH C . 0.84 2.81 -9.27
HG12 GSH C . 2.86 2.15 -11.13
HG13 GSH C . 2.66 3.57 -10.48
HN2 GSH C . 2.80 4.22 -12.91
HA2 GSH C . 0.22 4.21 -13.97
HB22 GSH C . 0.85 6.31 -14.93
HB23 GSH C . 2.15 6.25 -14.02
HSG GSH C . 0.19 7.94 -12.96
HN3 GSH C . -0.13 4.02 -16.36
HA31 GSH C . 1.79 2.41 -17.55
HA32 GSH C . 0.36 2.74 -18.16
N1 GSH D . -6.30 -1.26 3.30
CA1 GSH D . -6.80 -1.95 4.44
C1 GSH D . -5.71 -2.77 5.10
O11 GSH D . -5.74 -3.00 6.34
O12 GSH D . -4.76 -3.21 4.37
CB1 GSH D . -7.90 -2.82 3.95
CG1 GSH D . -8.63 -3.48 5.12
CD1 GSH D . -9.81 -4.29 4.63
OE1 GSH D . -10.21 -4.32 3.48
N2 GSH D . -10.46 -5.10 5.63
CA2 GSH D . -11.57 -5.95 5.32
C2 GSH D . -12.76 -5.44 6.13
O2 GSH D . -12.65 -4.81 7.20
CB2 GSH D . -11.21 -7.37 5.69
SG2 GSH D . -9.92 -8.08 4.63
N3 GSH D . -14.05 -5.68 5.57
CA3 GSH D . -15.23 -5.22 6.27
C3 GSH D . -15.75 -6.24 7.20
O31 GSH D . -15.13 -7.32 7.39
O32 GSH D . -16.83 -5.95 7.80
HN11 GSH D . -6.87 -0.58 3.08
HN12 GSH D . -5.47 -0.91 3.49
HA1 GSH D . -7.15 -1.31 5.10
HB12 GSH D . -7.53 -3.51 3.37
HB13 GSH D . -8.53 -2.29 3.45
HG12 GSH D . -8.02 -4.07 5.60
HG13 GSH D . -8.95 -2.81 5.74
HN2 GSH D . -10.14 -5.09 6.51
HA2 GSH D . -11.76 -5.89 4.38
HB22 GSH D . -10.89 -7.38 6.61
HB23 GSH D . -12.02 -7.92 5.62
HSG GSH D . -9.90 -9.27 4.77
HN3 GSH D . -14.13 -6.14 4.79
HA31 GSH D . -15.02 -4.41 6.77
HA32 GSH D . -15.92 -5.01 5.63
#